data_6SPS
#
_entry.id   6SPS
#
_cell.length_a   51.669
_cell.length_b   71.282
_cell.length_c   97.448
_cell.angle_alpha   90.000
_cell.angle_beta   90.000
_cell.angle_gamma   90.000
#
_symmetry.space_group_name_H-M   'P 21 21 21'
#
loop_
_entity.id
_entity.type
_entity.pdbx_description
1 polymer 'cAMP-dependent protein kinase catalytic subunit alpha'
2 non-polymer 'DIMETHYL SULFOXIDE'
3 non-polymer (4S)-2-METHYL-2,4-PENTANEDIOL
4 non-polymer 4-(trifluoromethyl)benzamide
5 water water
#
_entity_poly.entity_id   1
_entity_poly.type   'polypeptide(L)'
_entity_poly.pdbx_seq_one_letter_code
;GHMGNAAAAKKGSEQESVKEFLAKAKEEFLKKWESPSQNTAQLDHFDRIKTLGTGSFGRVMLVKHKETGNHYAMKILDKQ
KVVKLKQIEHTLNEKRILQAVNFPFLVKLEFSFKDNSNLYMVMEYVPGGEMFSHLRRIGRF(SEP)EPHARFYAAQIVLT
FEYLHSLDLIYRDLKPENLLIDQQGYIQVTDFGFAKRVKGRTW(TPO)LCGTPEYLAPEIILSKGYNKAVDWWALGVLIY
EMAAGYPPFFADQPIQIYEKIVSGKVRFPSHFSSDLKDLLRNLLQVDLTKRFGNLKNGVNDIKNHKWFATTDWIAIYQRK
VEAPFIPKFKGPGDTSNFDDYEEEEIRV(SEP)INEKCGKEFTEF
;
_entity_poly.pdbx_strand_id   A
#
loop_
_chem_comp.id
_chem_comp.type
_chem_comp.name
_chem_comp.formula
DMS non-polymer 'DIMETHYL SULFOXIDE' 'C2 H6 O S'
LR5 non-polymer 4-(trifluoromethyl)benzamide 'C8 H6 F3 N O'
MPD non-polymer (4S)-2-METHYL-2,4-PENTANEDIOL 'C6 H14 O2'
#
# COMPACT_ATOMS: atom_id res chain seq x y z
N GLU A 16 -10.26 -24.87 8.18
CA GLU A 16 -9.44 -25.53 7.17
C GLU A 16 -9.52 -24.79 5.84
N SER A 17 -10.68 -24.18 5.61
CA SER A 17 -10.90 -23.37 4.41
C SER A 17 -9.83 -22.31 4.26
N VAL A 18 -9.62 -21.53 5.32
CA VAL A 18 -8.64 -20.46 5.28
C VAL A 18 -7.24 -21.03 5.22
N LYS A 19 -6.99 -22.13 5.94
CA LYS A 19 -5.66 -22.72 5.97
C LYS A 19 -5.23 -23.18 4.59
N GLU A 20 -6.11 -23.90 3.88
CA GLU A 20 -5.74 -24.39 2.56
C GLU A 20 -5.64 -23.26 1.56
N PHE A 21 -6.44 -22.20 1.71
CA PHE A 21 -6.30 -21.05 0.82
C PHE A 21 -4.93 -20.42 0.97
N LEU A 22 -4.51 -20.16 2.22
CA LEU A 22 -3.23 -19.52 2.43
C LEU A 22 -2.08 -20.44 2.08
N ALA A 23 -2.25 -21.77 2.23
CA ALA A 23 -1.21 -22.70 1.81
C ALA A 23 -0.95 -22.61 0.31
N LYS A 24 -2.02 -22.56 -0.48
CA LYS A 24 -1.87 -22.41 -1.93
C LYS A 24 -1.30 -21.06 -2.28
N ALA A 25 -1.77 -20.01 -1.60
CA ALA A 25 -1.24 -18.68 -1.84
C ALA A 25 0.27 -18.64 -1.64
N LYS A 26 0.76 -19.30 -0.58
CA LYS A 26 2.19 -19.26 -0.31
C LYS A 26 2.96 -20.08 -1.34
N GLU A 27 2.43 -21.24 -1.72
CA GLU A 27 3.03 -22.04 -2.80
C GLU A 27 3.21 -21.21 -4.04
N GLU A 28 2.15 -20.51 -4.46
CA GLU A 28 2.21 -19.78 -5.72
C GLU A 28 3.15 -18.58 -5.63
N PHE A 29 3.13 -17.89 -4.49
CA PHE A 29 4.07 -16.79 -4.25
C PHE A 29 5.51 -17.28 -4.31
N LEU A 30 5.82 -18.37 -3.59
CA LEU A 30 7.20 -18.81 -3.49
C LEU A 30 7.78 -19.22 -4.84
N LYS A 31 6.95 -19.82 -5.70
CA LYS A 31 7.44 -20.21 -7.01
C LYS A 31 7.91 -19.00 -7.80
N LYS A 32 7.12 -17.92 -7.79
CA LYS A 32 7.54 -16.69 -8.48
C LYS A 32 8.64 -15.98 -7.71
N TRP A 33 8.61 -16.05 -6.39
CA TRP A 33 9.66 -15.43 -5.58
C TRP A 33 11.03 -16.00 -5.90
N GLU A 34 11.10 -17.31 -6.12
CA GLU A 34 12.37 -17.99 -6.33
C GLU A 34 12.88 -17.83 -7.75
N SER A 35 12.00 -17.54 -8.70
CA SER A 35 12.37 -17.38 -10.11
C SER A 35 11.67 -16.15 -10.66
N PRO A 36 12.15 -14.96 -10.31
CA PRO A 36 11.41 -13.75 -10.68
C PRO A 36 11.46 -13.48 -12.17
N SER A 37 10.37 -12.92 -12.68
CA SER A 37 10.36 -12.46 -14.06
C SER A 37 11.21 -11.22 -14.19
N GLN A 38 11.78 -11.04 -15.39
CA GLN A 38 12.65 -9.91 -15.68
C GLN A 38 12.45 -9.51 -17.13
N ASN A 39 12.58 -8.20 -17.38
CA ASN A 39 12.78 -7.68 -18.73
C ASN A 39 11.65 -8.12 -19.66
N THR A 40 10.42 -7.81 -19.26
CA THR A 40 9.24 -8.29 -19.98
C THR A 40 8.60 -7.23 -20.86
N ALA A 41 9.18 -6.05 -20.96
CA ALA A 41 8.76 -5.04 -21.94
C ALA A 41 9.92 -4.08 -22.18
N GLN A 42 9.67 -3.02 -22.92
CA GLN A 42 10.68 -1.98 -23.07
C GLN A 42 9.98 -0.64 -23.24
N LEU A 43 10.74 0.43 -23.06
CA LEU A 43 10.13 1.75 -22.93
C LEU A 43 9.41 2.16 -24.21
N ASP A 44 9.99 1.84 -25.37
CA ASP A 44 9.39 2.33 -26.60
C ASP A 44 8.22 1.47 -27.06
N HIS A 45 7.75 0.53 -26.22
CA HIS A 45 6.46 -0.09 -26.43
C HIS A 45 5.30 0.79 -25.98
N PHE A 46 5.58 1.91 -25.31
CA PHE A 46 4.55 2.74 -24.68
C PHE A 46 4.59 4.18 -25.18
N ASP A 47 3.42 4.82 -25.18
CA ASP A 47 3.30 6.27 -25.31
C ASP A 47 3.11 6.86 -23.91
N ARG A 48 3.73 8.00 -23.65
CA ARG A 48 3.55 8.67 -22.38
C ARG A 48 2.36 9.62 -22.48
N ILE A 49 1.49 9.58 -21.48
CA ILE A 49 0.26 10.38 -21.47
C ILE A 49 0.35 11.53 -20.45
N LYS A 50 0.64 11.22 -19.19
CA LYS A 50 0.54 12.23 -18.13
C LYS A 50 1.29 11.76 -16.90
N THR A 51 1.89 12.71 -16.20
CA THR A 51 2.49 12.37 -14.91
C THR A 51 1.42 12.38 -13.83
N LEU A 52 1.32 11.27 -13.09
CA LEU A 52 0.30 11.09 -12.05
C LEU A 52 0.82 11.37 -10.64
N GLY A 53 2.13 11.30 -10.44
CA GLY A 53 2.72 11.51 -9.12
C GLY A 53 4.23 11.59 -9.26
N THR A 54 4.87 12.30 -8.34
N THR A 54 4.91 12.26 -8.34
CA THR A 54 6.31 12.47 -8.37
CA THR A 54 6.35 12.44 -8.47
C THR A 54 6.85 12.28 -6.97
C THR A 54 6.98 12.63 -7.09
N GLY A 55 8.15 11.99 -6.90
CA GLY A 55 8.83 11.93 -5.61
C GLY A 55 10.30 12.22 -5.72
N SER A 56 11.06 11.88 -4.66
CA SER A 56 12.47 12.25 -4.64
C SER A 56 13.33 11.38 -5.57
N PHE A 57 12.94 10.13 -5.81
CA PHE A 57 13.73 9.28 -6.72
C PHE A 57 12.89 8.66 -7.82
N GLY A 58 11.61 9.02 -7.94
CA GLY A 58 10.83 8.41 -8.98
C GLY A 58 9.54 9.16 -9.26
N ARG A 59 8.79 8.64 -10.22
CA ARG A 59 7.48 9.18 -10.50
C ARG A 59 6.62 8.07 -11.08
N VAL A 60 5.34 8.34 -11.23
CA VAL A 60 4.42 7.41 -11.88
C VAL A 60 3.74 8.15 -13.02
N MET A 61 3.73 7.53 -14.19
CA MET A 61 3.14 8.14 -15.37
C MET A 61 2.07 7.23 -15.95
N LEU A 62 0.99 7.85 -16.42
CA LEU A 62 0.05 7.13 -17.26
C LEU A 62 0.68 6.92 -18.61
N VAL A 63 0.69 5.67 -19.07
CA VAL A 63 1.19 5.32 -20.40
C VAL A 63 0.14 4.49 -21.11
N LYS A 64 0.29 4.38 -22.42
CA LYS A 64 -0.58 3.55 -23.23
C LYS A 64 0.27 2.61 -24.08
N HIS A 65 -0.05 1.31 -24.05
CA HIS A 65 0.68 0.35 -24.87
C HIS A 65 0.32 0.52 -26.34
N LYS A 66 1.35 0.68 -27.19
CA LYS A 66 1.12 1.15 -28.55
C LYS A 66 0.45 0.09 -29.42
N GLU A 67 0.66 -1.19 -29.11
CA GLU A 67 0.09 -2.28 -29.89
C GLU A 67 -1.27 -2.72 -29.35
N THR A 68 -1.42 -2.85 -28.05
CA THR A 68 -2.68 -3.31 -27.47
C THR A 68 -3.66 -2.18 -27.19
N GLY A 69 -3.17 -0.96 -27.01
CA GLY A 69 -4.01 0.15 -26.63
C GLY A 69 -4.33 0.23 -25.15
N ASN A 70 -3.83 -0.70 -24.34
CA ASN A 70 -4.13 -0.72 -22.92
C ASN A 70 -3.39 0.39 -22.19
N HIS A 71 -4.05 0.97 -21.21
CA HIS A 71 -3.40 1.95 -20.36
C HIS A 71 -2.74 1.24 -19.18
N TYR A 72 -1.67 1.85 -18.67
CA TYR A 72 -0.97 1.33 -17.51
C TYR A 72 -0.39 2.48 -16.73
N ALA A 73 -0.13 2.26 -15.44
CA ALA A 73 0.63 3.21 -14.63
C ALA A 73 2.07 2.72 -14.55
N MET A 74 3.00 3.51 -15.07
CA MET A 74 4.40 3.13 -15.18
C MET A 74 5.18 3.86 -14.10
N LYS A 75 5.73 3.11 -13.14
CA LYS A 75 6.55 3.69 -12.09
C LYS A 75 8.00 3.71 -12.58
N ILE A 76 8.61 4.90 -12.58
CA ILE A 76 9.94 5.11 -13.16
C ILE A 76 10.86 5.56 -12.03
N LEU A 77 11.87 4.73 -11.72
CA LEU A 77 12.81 5.03 -10.64
C LEU A 77 14.17 5.37 -11.22
N ASP A 78 14.70 6.53 -10.85
CA ASP A 78 16.03 6.95 -11.29
C ASP A 78 17.09 6.19 -10.50
N LYS A 79 17.87 5.35 -11.19
CA LYS A 79 18.83 4.49 -10.50
C LYS A 79 19.82 5.29 -9.67
N GLN A 80 20.34 6.40 -10.20
CA GLN A 80 21.32 7.16 -9.45
C GLN A 80 20.72 7.80 -8.19
N LYS A 81 19.45 8.20 -8.25
CA LYS A 81 18.82 8.79 -7.07
C LYS A 81 18.47 7.72 -6.04
N VAL A 82 18.08 6.53 -6.51
CA VAL A 82 17.83 5.41 -5.60
C VAL A 82 19.08 5.09 -4.79
N VAL A 83 20.24 5.07 -5.45
CA VAL A 83 21.49 4.82 -4.76
C VAL A 83 21.78 5.92 -3.73
N LYS A 84 21.69 7.18 -4.17
CA LYS A 84 21.98 8.30 -3.28
C LYS A 84 21.08 8.29 -2.06
N LEU A 85 19.79 8.01 -2.24
CA LEU A 85 18.83 8.00 -1.15
C LEU A 85 18.72 6.65 -0.45
N LYS A 86 19.66 5.74 -0.74
CA LYS A 86 19.80 4.47 -0.01
C LYS A 86 18.56 3.60 -0.13
N GLN A 87 17.99 3.52 -1.33
CA GLN A 87 16.80 2.70 -1.54
C GLN A 87 17.06 1.50 -2.44
N ILE A 88 18.32 1.08 -2.61
CA ILE A 88 18.60 -0.03 -3.53
C ILE A 88 17.82 -1.27 -3.14
N GLU A 89 18.05 -1.77 -1.92
CA GLU A 89 17.36 -2.97 -1.45
C GLU A 89 15.85 -2.78 -1.52
N HIS A 90 15.38 -1.58 -1.21
CA HIS A 90 13.94 -1.34 -1.18
C HIS A 90 13.34 -1.46 -2.59
N THR A 91 14.01 -0.90 -3.60
CA THR A 91 13.46 -1.01 -4.95
C THR A 91 13.54 -2.45 -5.45
N LEU A 92 14.59 -3.18 -5.07
CA LEU A 92 14.66 -4.60 -5.39
C LEU A 92 13.54 -5.38 -4.71
N ASN A 93 13.30 -5.09 -3.41
CA ASN A 93 12.15 -5.67 -2.71
C ASN A 93 10.85 -5.43 -3.49
N GLU A 94 10.60 -4.17 -3.84
CA GLU A 94 9.31 -3.80 -4.43
C GLU A 94 9.00 -4.64 -5.67
N LYS A 95 9.95 -4.69 -6.61
CA LYS A 95 9.71 -5.44 -7.84
C LYS A 95 9.65 -6.94 -7.60
N ARG A 96 10.54 -7.49 -6.77
CA ARG A 96 10.53 -8.94 -6.56
C ARG A 96 9.23 -9.38 -5.88
N ILE A 97 8.74 -8.60 -4.93
CA ILE A 97 7.48 -8.93 -4.27
C ILE A 97 6.32 -8.75 -5.24
N LEU A 98 6.26 -7.62 -5.94
CA LEU A 98 5.11 -7.33 -6.78
C LEU A 98 4.97 -8.36 -7.91
N GLN A 99 6.08 -8.81 -8.48
CA GLN A 99 5.94 -9.83 -9.53
C GLN A 99 5.52 -11.19 -8.97
N ALA A 100 5.53 -11.37 -7.65
CA ALA A 100 5.24 -12.67 -7.05
C ALA A 100 3.87 -12.76 -6.37
N VAL A 101 3.25 -11.63 -6.03
CA VAL A 101 1.98 -11.66 -5.30
C VAL A 101 0.79 -11.63 -6.23
N ASN A 102 -0.37 -11.94 -5.67
CA ASN A 102 -1.61 -12.07 -6.42
C ASN A 102 -2.74 -12.04 -5.41
N PHE A 103 -3.49 -10.93 -5.36
CA PHE A 103 -4.59 -10.81 -4.41
C PHE A 103 -5.54 -9.75 -4.94
N PRO A 104 -6.85 -9.89 -4.71
CA PRO A 104 -7.82 -8.99 -5.36
C PRO A 104 -7.60 -7.53 -5.05
N PHE A 105 -6.98 -7.19 -3.93
CA PHE A 105 -6.88 -5.81 -3.49
C PHE A 105 -5.45 -5.27 -3.60
N LEU A 106 -4.61 -5.91 -4.42
CA LEU A 106 -3.28 -5.41 -4.73
C LEU A 106 -3.22 -5.03 -6.20
N VAL A 107 -2.74 -3.81 -6.49
CA VAL A 107 -2.50 -3.43 -7.88
C VAL A 107 -1.55 -4.44 -8.51
N LYS A 108 -1.91 -4.94 -9.69
CA LYS A 108 -1.11 -5.96 -10.35
C LYS A 108 0.06 -5.35 -11.12
N LEU A 109 1.22 -6.01 -11.04
CA LEU A 109 2.35 -5.68 -11.90
C LEU A 109 2.20 -6.42 -13.23
N GLU A 110 2.27 -5.68 -14.34
CA GLU A 110 2.13 -6.28 -15.66
C GLU A 110 3.46 -6.48 -16.36
N PHE A 111 4.38 -5.53 -16.26
CA PHE A 111 5.71 -5.65 -16.86
C PHE A 111 6.72 -5.00 -15.94
N SER A 112 7.98 -5.40 -16.11
CA SER A 112 9.10 -4.65 -15.55
C SER A 112 10.28 -4.76 -16.50
N PHE A 113 11.20 -3.80 -16.37
CA PHE A 113 12.41 -3.73 -17.18
C PHE A 113 13.24 -2.56 -16.65
N LYS A 114 14.47 -2.48 -17.14
CA LYS A 114 15.38 -1.40 -16.79
C LYS A 114 16.11 -0.97 -18.05
N ASP A 115 16.70 0.22 -17.98
CA ASP A 115 17.58 0.67 -19.06
C ASP A 115 18.80 1.31 -18.40
N ASN A 116 19.56 2.09 -19.18
CA ASN A 116 20.81 2.66 -18.67
C ASN A 116 20.57 3.53 -17.45
N SER A 117 19.41 4.19 -17.37
CA SER A 117 19.17 5.19 -16.34
C SER A 117 18.12 4.78 -15.31
N ASN A 118 17.07 4.06 -15.70
CA ASN A 118 15.90 3.92 -14.84
C ASN A 118 15.51 2.45 -14.64
N LEU A 119 14.76 2.24 -13.57
CA LEU A 119 13.97 1.02 -13.36
C LEU A 119 12.52 1.33 -13.67
N TYR A 120 11.82 0.37 -14.26
CA TYR A 120 10.43 0.57 -14.65
C TYR A 120 9.57 -0.56 -14.12
N MET A 121 8.45 -0.19 -13.50
CA MET A 121 7.42 -1.15 -13.11
C MET A 121 6.12 -0.69 -13.74
N VAL A 122 5.56 -1.51 -14.62
CA VAL A 122 4.34 -1.16 -15.36
C VAL A 122 3.20 -1.91 -14.70
N MET A 123 2.30 -1.19 -14.06
N MET A 123 2.31 -1.14 -14.08
CA MET A 123 1.23 -1.84 -13.32
CA MET A 123 1.22 -1.63 -13.24
C MET A 123 -0.11 -1.39 -13.86
C MET A 123 -0.12 -1.40 -13.92
N GLU A 124 -1.14 -2.11 -13.43
CA GLU A 124 -2.50 -1.78 -13.83
C GLU A 124 -2.80 -0.35 -13.41
N TYR A 125 -3.47 0.39 -14.30
CA TYR A 125 -3.88 1.75 -13.97
C TYR A 125 -5.25 1.72 -13.30
N VAL A 126 -5.38 2.44 -12.19
CA VAL A 126 -6.62 2.48 -11.42
C VAL A 126 -7.17 3.90 -11.50
N PRO A 127 -8.14 4.17 -12.37
CA PRO A 127 -8.49 5.56 -12.70
C PRO A 127 -9.26 6.26 -11.61
N GLY A 128 -9.71 5.55 -10.58
CA GLY A 128 -10.55 6.19 -9.58
C GLY A 128 -9.81 7.09 -8.62
N GLY A 129 -8.48 7.04 -8.60
CA GLY A 129 -7.72 7.94 -7.75
C GLY A 129 -7.46 7.37 -6.37
N GLU A 130 -6.73 8.15 -5.59
CA GLU A 130 -6.33 7.76 -4.24
C GLU A 130 -7.48 7.97 -3.26
N MET A 131 -7.59 7.05 -2.30
CA MET A 131 -8.53 7.25 -1.19
C MET A 131 -8.30 8.60 -0.53
N PHE A 132 -7.05 9.06 -0.47
CA PHE A 132 -6.72 10.35 0.14
C PHE A 132 -7.58 11.47 -0.45
N SER A 133 -7.69 11.53 -1.78
CA SER A 133 -8.44 12.58 -2.44
C SER A 133 -9.91 12.53 -2.06
N HIS A 134 -10.48 11.32 -2.09
CA HIS A 134 -11.91 11.19 -1.79
C HIS A 134 -12.20 11.48 -0.33
N LEU A 135 -11.33 11.02 0.58
CA LEU A 135 -11.52 11.32 2.00
C LEU A 135 -11.46 12.81 2.26
N ARG A 136 -10.48 13.50 1.68
CA ARG A 136 -10.38 14.95 1.86
C ARG A 136 -11.54 15.69 1.22
N ARG A 137 -12.07 15.19 0.10
CA ARG A 137 -13.22 15.83 -0.55
C ARG A 137 -14.46 15.75 0.34
N ILE A 138 -14.74 14.56 0.88
CA ILE A 138 -15.96 14.35 1.66
C ILE A 138 -15.81 14.69 3.13
N GLY A 139 -14.58 14.74 3.65
CA GLY A 139 -14.37 15.10 5.04
C GLY A 139 -14.08 13.89 5.89
N ARG A 140 -15.06 12.99 6.04
N ARG A 140 -15.05 12.99 6.02
CA ARG A 140 -14.83 11.73 6.71
CA ARG A 140 -14.83 11.72 6.69
C ARG A 140 -15.81 10.70 6.16
C ARG A 140 -15.79 10.70 6.11
N PHE A 141 -15.42 9.43 6.25
CA PHE A 141 -16.27 8.33 5.83
C PHE A 141 -17.14 7.91 7.00
N SEP A 142 -18.36 7.48 6.70
CA SEP A 142 -19.21 6.86 7.72
CB SEP A 142 -20.58 6.55 7.13
OG SEP A 142 -20.48 5.46 6.22
C SEP A 142 -18.53 5.59 8.22
O SEP A 142 -17.61 5.10 7.60
P SEP A 142 -21.80 5.23 5.32
O1P SEP A 142 -22.03 6.67 4.60
O2P SEP A 142 -21.51 4.07 4.24
O3P SEP A 142 -23.08 4.87 6.20
N GLU A 143 -18.97 5.03 9.35
CA GLU A 143 -18.30 3.83 9.83
C GLU A 143 -18.53 2.65 8.87
N PRO A 144 -19.73 2.48 8.30
CA PRO A 144 -19.89 1.41 7.29
C PRO A 144 -18.93 1.55 6.12
N HIS A 145 -18.71 2.79 5.68
CA HIS A 145 -17.80 3.10 4.56
C HIS A 145 -16.36 2.80 4.95
N ALA A 146 -15.93 3.27 6.12
CA ALA A 146 -14.59 2.96 6.60
C ALA A 146 -14.40 1.46 6.78
N ARG A 147 -15.44 0.79 7.27
CA ARG A 147 -15.38 -0.65 7.54
C ARG A 147 -15.21 -1.45 6.27
N PHE A 148 -15.87 -1.02 5.18
CA PHE A 148 -15.73 -1.69 3.90
C PHE A 148 -14.27 -1.67 3.42
N TYR A 149 -13.63 -0.49 3.48
CA TYR A 149 -12.22 -0.40 3.12
C TYR A 149 -11.36 -1.16 4.13
N ALA A 150 -11.64 -1.00 5.42
CA ALA A 150 -10.83 -1.64 6.44
C ALA A 150 -10.82 -3.17 6.27
N ALA A 151 -11.97 -3.75 5.93
CA ALA A 151 -12.03 -5.21 5.77
C ALA A 151 -11.10 -5.68 4.66
N GLN A 152 -11.01 -4.90 3.59
CA GLN A 152 -10.11 -5.25 2.49
C GLN A 152 -8.66 -5.19 2.93
N ILE A 153 -8.30 -4.19 3.75
CA ILE A 153 -6.94 -4.13 4.26
C ILE A 153 -6.67 -5.31 5.19
N VAL A 154 -7.66 -5.70 6.01
CA VAL A 154 -7.45 -6.83 6.92
C VAL A 154 -7.15 -8.10 6.12
N LEU A 155 -7.98 -8.38 5.10
CA LEU A 155 -7.73 -9.55 4.25
C LEU A 155 -6.38 -9.45 3.54
N THR A 156 -6.04 -8.26 3.05
CA THR A 156 -4.78 -8.09 2.33
C THR A 156 -3.58 -8.34 3.24
N PHE A 157 -3.65 -7.84 4.47
CA PHE A 157 -2.56 -8.08 5.42
C PHE A 157 -2.54 -9.54 5.86
N GLU A 158 -3.70 -10.16 5.99
CA GLU A 158 -3.71 -11.59 6.28
C GLU A 158 -2.96 -12.36 5.20
N TYR A 159 -3.21 -12.01 3.94
CA TYR A 159 -2.49 -12.60 2.83
C TYR A 159 -0.99 -12.27 2.88
N LEU A 160 -0.66 -10.98 2.98
CA LEU A 160 0.76 -10.60 2.93
C LEU A 160 1.54 -11.21 4.08
N HIS A 161 0.99 -11.13 5.30
CA HIS A 161 1.72 -11.63 6.45
C HIS A 161 1.93 -13.14 6.39
N SER A 162 0.97 -13.89 5.84
CA SER A 162 1.15 -15.33 5.73
C SER A 162 2.31 -15.67 4.79
N LEU A 163 2.66 -14.76 3.90
CA LEU A 163 3.79 -14.90 3.00
C LEU A 163 5.09 -14.40 3.61
N ASP A 164 5.08 -14.02 4.90
CA ASP A 164 6.22 -13.40 5.58
C ASP A 164 6.56 -12.03 4.99
N LEU A 165 5.57 -11.33 4.45
CA LEU A 165 5.76 -9.99 3.93
C LEU A 165 5.19 -8.98 4.92
N ILE A 166 5.91 -7.88 5.11
CA ILE A 166 5.40 -6.71 5.81
C ILE A 166 5.26 -5.59 4.79
N TYR A 167 4.17 -4.83 4.87
CA TYR A 167 3.88 -3.82 3.85
C TYR A 167 4.54 -2.47 4.16
N ARG A 168 4.36 -1.96 5.38
CA ARG A 168 5.13 -0.83 5.94
C ARG A 168 4.85 0.52 5.28
N ASP A 169 3.80 0.66 4.48
CA ASP A 169 3.49 2.01 3.98
C ASP A 169 2.00 2.25 3.88
N LEU A 170 1.23 1.72 4.81
CA LEU A 170 -0.21 1.92 4.78
C LEU A 170 -0.53 3.39 5.07
N LYS A 171 -1.32 3.99 4.19
CA LYS A 171 -1.75 5.38 4.31
C LYS A 171 -2.76 5.64 3.18
N PRO A 172 -3.61 6.66 3.33
CA PRO A 172 -4.67 6.85 2.32
C PRO A 172 -4.13 7.08 0.92
N GLU A 173 -2.96 7.70 0.77
CA GLU A 173 -2.42 7.94 -0.57
C GLU A 173 -2.11 6.65 -1.31
N ASN A 174 -1.88 5.54 -0.62
CA ASN A 174 -1.47 4.31 -1.27
C ASN A 174 -2.63 3.38 -1.54
N LEU A 175 -3.87 3.81 -1.33
CA LEU A 175 -5.03 2.97 -1.52
C LEU A 175 -5.82 3.59 -2.66
N LEU A 176 -5.80 2.96 -3.82
CA LEU A 176 -6.55 3.47 -4.95
C LEU A 176 -7.94 2.85 -4.98
N ILE A 177 -8.91 3.59 -5.52
CA ILE A 177 -10.29 3.14 -5.59
C ILE A 177 -10.55 2.75 -7.04
N ASP A 178 -10.99 1.50 -7.26
CA ASP A 178 -11.11 1.05 -8.64
C ASP A 178 -12.54 1.27 -9.15
N GLN A 179 -12.79 0.81 -10.38
CA GLN A 179 -14.05 1.06 -11.06
C GLN A 179 -15.25 0.46 -10.32
N GLN A 180 -15.02 -0.53 -9.46
CA GLN A 180 -16.09 -1.11 -8.68
C GLN A 180 -16.15 -0.53 -7.27
N GLY A 181 -15.32 0.46 -6.97
CA GLY A 181 -15.30 1.07 -5.65
C GLY A 181 -14.48 0.33 -4.62
N TYR A 182 -13.74 -0.70 -5.03
CA TYR A 182 -12.90 -1.49 -4.13
C TYR A 182 -11.49 -0.91 -4.09
N ILE A 183 -10.74 -1.32 -3.06
CA ILE A 183 -9.38 -0.86 -2.82
C ILE A 183 -8.41 -1.63 -3.69
N GLN A 184 -7.42 -0.91 -4.22
CA GLN A 184 -6.24 -1.57 -4.79
C GLN A 184 -5.02 -0.90 -4.19
N VAL A 185 -4.24 -1.65 -3.42
CA VAL A 185 -3.05 -1.10 -2.74
C VAL A 185 -1.93 -0.92 -3.75
N THR A 186 -1.36 0.28 -3.78
CA THR A 186 -0.24 0.60 -4.65
C THR A 186 0.97 0.99 -3.82
N ASP A 187 2.15 0.82 -4.42
CA ASP A 187 3.44 1.24 -3.89
C ASP A 187 3.93 0.22 -2.87
N PHE A 188 4.80 -0.68 -3.32
CA PHE A 188 5.44 -1.64 -2.44
C PHE A 188 6.88 -1.23 -2.15
N GLY A 189 7.15 0.07 -2.20
CA GLY A 189 8.50 0.57 -2.04
C GLY A 189 9.13 0.25 -0.70
N PHE A 190 8.32 0.08 0.35
CA PHE A 190 8.84 -0.32 1.64
C PHE A 190 8.51 -1.76 2.01
N ALA A 191 7.84 -2.50 1.14
CA ALA A 191 7.48 -3.88 1.45
C ALA A 191 8.73 -4.76 1.53
N LYS A 192 8.70 -5.75 2.43
CA LYS A 192 9.87 -6.58 2.64
C LYS A 192 9.46 -7.98 3.07
N ARG A 193 10.19 -8.98 2.58
CA ARG A 193 10.03 -10.33 3.09
C ARG A 193 10.90 -10.49 4.32
N VAL A 194 10.26 -10.81 5.44
CA VAL A 194 10.87 -10.78 6.77
C VAL A 194 10.43 -12.01 7.52
N LYS A 195 11.39 -12.83 7.93
CA LYS A 195 11.16 -13.86 8.92
C LYS A 195 11.81 -13.38 10.20
N GLY A 196 11.01 -13.22 11.23
CA GLY A 196 11.50 -12.67 12.48
C GLY A 196 11.27 -11.16 12.53
N ARG A 197 12.36 -10.41 12.62
CA ARG A 197 12.29 -8.97 12.80
C ARG A 197 13.04 -8.27 11.67
N THR A 198 12.78 -6.97 11.53
CA THR A 198 13.54 -6.11 10.63
C THR A 198 13.71 -4.75 11.32
N TRP A 199 14.57 -3.91 10.76
CA TRP A 199 15.05 -2.75 11.51
C TRP A 199 15.00 -1.38 10.83
N TPO A 200 14.68 -1.32 9.53
CA TPO A 200 14.81 -0.07 8.79
CB TPO A 200 14.68 -0.31 7.28
CG2 TPO A 200 14.99 0.97 6.51
OG1 TPO A 200 15.66 -1.27 6.88
P TPO A 200 14.90 -2.57 6.33
O1P TPO A 200 16.07 -3.64 6.07
O2P TPO A 200 14.19 -2.26 5.06
O3P TPO A 200 13.86 -3.12 7.42
C TPO A 200 13.79 0.97 9.22
O TPO A 200 12.60 0.68 9.35
N LEU A 201 14.28 2.18 9.48
CA LEU A 201 13.41 3.34 9.67
C LEU A 201 12.81 3.73 8.31
N CYS A 202 11.52 3.48 8.14
CA CYS A 202 10.81 3.90 6.94
C CYS A 202 9.32 3.95 7.25
N GLY A 203 8.60 4.65 6.39
CA GLY A 203 7.19 4.94 6.58
C GLY A 203 6.93 6.43 6.59
N THR A 204 5.68 6.75 6.85
CA THR A 204 5.23 8.13 6.94
C THR A 204 4.99 8.47 8.41
N PRO A 205 5.43 9.64 8.88
CA PRO A 205 5.46 9.90 10.33
C PRO A 205 4.15 9.61 11.03
N GLU A 206 3.02 10.02 10.43
CA GLU A 206 1.73 9.86 11.10
C GLU A 206 1.37 8.40 11.34
N TYR A 207 1.96 7.48 10.57
CA TYR A 207 1.56 6.08 10.58
C TYR A 207 2.58 5.17 11.24
N LEU A 208 3.70 5.72 11.73
CA LEU A 208 4.75 4.89 12.29
C LEU A 208 4.34 4.31 13.64
N ALA A 209 4.52 3.01 13.81
CA ALA A 209 4.31 2.37 15.10
C ALA A 209 5.38 2.83 16.10
N PRO A 210 5.10 2.75 17.41
CA PRO A 210 6.09 3.18 18.40
C PRO A 210 7.41 2.45 18.28
N GLU A 211 7.39 1.15 17.97
CA GLU A 211 8.65 0.41 17.95
C GLU A 211 9.53 0.82 16.76
N ILE A 212 8.94 1.38 15.70
CA ILE A 212 9.79 1.94 14.64
C ILE A 212 10.45 3.23 15.12
N ILE A 213 9.68 4.10 15.76
CA ILE A 213 10.20 5.37 16.27
C ILE A 213 11.35 5.14 17.24
N LEU A 214 11.23 4.11 18.06
CA LEU A 214 12.24 3.79 19.08
C LEU A 214 13.37 2.90 18.57
N SER A 215 13.43 2.64 17.26
CA SER A 215 14.57 1.94 16.65
C SER A 215 14.71 0.50 17.14
N LYS A 216 13.59 -0.16 17.39
CA LYS A 216 13.60 -1.55 17.79
C LYS A 216 13.57 -2.46 16.56
N GLY A 217 13.90 -3.72 16.77
CA GLY A 217 13.61 -4.75 15.79
C GLY A 217 12.11 -5.00 15.80
N TYR A 218 11.46 -4.82 14.67
CA TYR A 218 10.00 -4.87 14.65
C TYR A 218 9.52 -5.87 13.60
N ASN A 219 8.21 -6.11 13.61
CA ASN A 219 7.65 -7.20 12.82
C ASN A 219 6.30 -6.75 12.25
N LYS A 220 5.47 -7.72 11.85
CA LYS A 220 4.23 -7.42 11.16
C LYS A 220 3.28 -6.60 12.02
N ALA A 221 3.52 -6.55 13.33
CA ALA A 221 2.66 -5.73 14.19
C ALA A 221 2.63 -4.27 13.76
N VAL A 222 3.65 -3.79 13.05
CA VAL A 222 3.60 -2.38 12.66
C VAL A 222 2.54 -2.14 11.61
N ASP A 223 2.21 -3.15 10.81
CA ASP A 223 1.11 -3.00 9.86
C ASP A 223 -0.22 -2.86 10.58
N TRP A 224 -0.43 -3.66 11.63
CA TRP A 224 -1.71 -3.60 12.34
C TRP A 224 -1.86 -2.28 13.09
N TRP A 225 -0.77 -1.75 13.64
CA TRP A 225 -0.80 -0.39 14.17
C TRP A 225 -1.23 0.59 13.09
N ALA A 226 -0.61 0.49 11.92
CA ALA A 226 -0.95 1.43 10.87
C ALA A 226 -2.41 1.29 10.43
N LEU A 227 -2.97 0.08 10.51
CA LEU A 227 -4.39 -0.07 10.20
C LEU A 227 -5.23 0.70 11.20
N GLY A 228 -4.85 0.67 12.48
CA GLY A 228 -5.56 1.50 13.45
C GLY A 228 -5.51 2.98 13.09
N VAL A 229 -4.34 3.47 12.65
CA VAL A 229 -4.22 4.86 12.24
C VAL A 229 -5.14 5.13 11.06
N LEU A 230 -5.11 4.23 10.07
CA LEU A 230 -5.92 4.40 8.87
C LEU A 230 -7.40 4.40 9.21
N ILE A 231 -7.85 3.45 10.04
CA ILE A 231 -9.27 3.41 10.37
C ILE A 231 -9.68 4.68 11.09
N TYR A 232 -8.86 5.13 12.05
CA TYR A 232 -9.14 6.38 12.73
C TYR A 232 -9.25 7.53 11.74
N GLU A 233 -8.30 7.63 10.81
CA GLU A 233 -8.30 8.74 9.86
C GLU A 233 -9.50 8.68 8.92
N MET A 234 -9.87 7.48 8.46
CA MET A 234 -11.06 7.36 7.62
C MET A 234 -12.31 7.81 8.37
N ALA A 235 -12.41 7.48 9.66
CA ALA A 235 -13.66 7.74 10.38
C ALA A 235 -13.72 9.13 10.99
N ALA A 236 -12.58 9.73 11.29
CA ALA A 236 -12.53 11.08 11.85
C ALA A 236 -12.24 12.15 10.81
N GLY A 237 -11.50 11.80 9.75
CA GLY A 237 -11.07 12.76 8.74
C GLY A 237 -9.68 13.31 8.95
N TYR A 238 -9.01 12.93 10.03
CA TYR A 238 -7.66 13.33 10.37
C TYR A 238 -7.04 12.21 11.18
N PRO A 239 -5.71 12.05 11.14
CA PRO A 239 -5.07 10.94 11.84
C PRO A 239 -5.04 11.20 13.34
N PRO A 240 -4.84 10.16 14.15
CA PRO A 240 -4.90 10.34 15.61
C PRO A 240 -3.74 11.12 16.18
N PHE A 241 -2.56 11.07 15.56
CA PHE A 241 -1.35 11.74 16.05
C PHE A 241 -0.93 12.75 14.99
N PHE A 242 -1.15 14.03 15.28
CA PHE A 242 -0.96 15.12 14.34
C PHE A 242 -0.11 16.21 14.98
N ALA A 243 0.75 16.84 14.18
CA ALA A 243 1.58 17.94 14.65
C ALA A 243 2.28 18.54 13.46
N ASP A 244 2.94 19.68 13.69
CA ASP A 244 3.69 20.34 12.63
C ASP A 244 5.06 19.70 12.44
N GLN A 245 5.73 19.35 13.52
CA GLN A 245 7.02 18.69 13.35
C GLN A 245 6.88 17.20 13.57
N PRO A 246 7.62 16.39 12.82
CA PRO A 246 7.62 14.94 13.09
C PRO A 246 7.96 14.60 14.53
N ILE A 247 8.89 15.33 15.16
CA ILE A 247 9.27 15.02 16.53
C ILE A 247 8.05 15.10 17.45
N GLN A 248 7.19 16.09 17.22
CA GLN A 248 5.99 16.22 18.04
C GLN A 248 4.99 15.11 17.74
N ILE A 249 4.90 14.68 16.47
CA ILE A 249 4.07 13.52 16.15
C ILE A 249 4.59 12.31 16.90
N TYR A 250 5.91 12.14 16.94
CA TYR A 250 6.48 10.94 17.53
C TYR A 250 6.24 10.89 19.04
N GLU A 251 6.33 12.04 19.72
CA GLU A 251 6.01 12.10 21.14
C GLU A 251 4.60 11.59 21.41
N LYS A 252 3.64 11.98 20.57
CA LYS A 252 2.26 11.56 20.79
C LYS A 252 2.10 10.07 20.53
N ILE A 253 2.76 9.55 19.49
CA ILE A 253 2.64 8.12 19.18
C ILE A 253 3.14 7.28 20.34
N VAL A 254 4.29 7.65 20.91
CA VAL A 254 4.85 6.79 21.96
C VAL A 254 4.16 6.98 23.30
N SER A 255 3.27 7.97 23.44
CA SER A 255 2.75 8.36 24.76
C SER A 255 1.75 7.36 25.34
N GLY A 256 1.06 6.59 24.50
CA GLY A 256 0.03 5.73 25.00
C GLY A 256 -1.32 6.39 25.15
N LYS A 257 -1.49 7.59 24.60
CA LYS A 257 -2.71 8.38 24.74
C LYS A 257 -3.27 8.67 23.36
N VAL A 258 -4.55 8.41 23.18
CA VAL A 258 -5.27 8.75 21.96
C VAL A 258 -6.66 9.25 22.36
N ARG A 259 -7.09 10.34 21.73
CA ARG A 259 -8.41 10.90 21.97
C ARG A 259 -9.33 10.52 20.81
N PHE A 260 -10.58 10.19 21.12
CA PHE A 260 -11.49 9.81 20.07
C PHE A 260 -12.61 10.83 19.93
N PRO A 261 -13.04 11.13 18.71
CA PRO A 261 -14.23 11.98 18.54
C PRO A 261 -15.44 11.32 19.16
N SER A 262 -16.33 12.15 19.71
CA SER A 262 -17.53 11.63 20.35
C SER A 262 -18.41 10.85 19.38
N HIS A 263 -18.36 11.17 18.09
CA HIS A 263 -19.24 10.45 17.17
C HIS A 263 -18.77 9.03 16.88
N PHE A 264 -17.54 8.67 17.27
CA PHE A 264 -17.11 7.28 17.14
C PHE A 264 -18.00 6.35 17.96
N SER A 265 -18.37 5.21 17.36
CA SER A 265 -19.08 4.20 18.11
C SER A 265 -18.18 3.60 19.20
N SER A 266 -18.81 3.02 20.22
CA SER A 266 -18.03 2.36 21.26
C SER A 266 -17.23 1.18 20.69
N ASP A 267 -17.83 0.45 19.75
CA ASP A 267 -17.11 -0.66 19.10
C ASP A 267 -15.88 -0.17 18.36
N LEU A 268 -15.99 0.97 17.67
CA LEU A 268 -14.85 1.51 16.94
C LEU A 268 -13.75 1.91 17.90
N LYS A 269 -14.11 2.59 18.99
CA LYS A 269 -13.08 2.98 19.95
C LYS A 269 -12.39 1.77 20.54
N ASP A 270 -13.15 0.70 20.82
CA ASP A 270 -12.54 -0.47 21.43
C ASP A 270 -11.57 -1.13 20.47
N LEU A 271 -11.96 -1.28 19.20
CA LEU A 271 -11.05 -1.85 18.23
C LEU A 271 -9.80 -1.00 18.10
N LEU A 272 -9.97 0.32 18.05
CA LEU A 272 -8.81 1.19 17.85
C LEU A 272 -7.86 1.16 19.04
N ARG A 273 -8.39 1.04 20.27
CA ARG A 273 -7.49 0.94 21.42
C ARG A 273 -6.60 -0.29 21.33
N ASN A 274 -7.11 -1.36 20.72
CA ASN A 274 -6.38 -2.61 20.60
C ASN A 274 -5.47 -2.67 19.38
N LEU A 275 -5.75 -1.89 18.35
CA LEU A 275 -4.81 -1.73 17.24
C LEU A 275 -3.74 -0.69 17.56
N LEU A 276 -4.14 0.41 18.20
CA LEU A 276 -3.22 1.48 18.60
C LEU A 276 -2.64 1.22 19.96
N GLN A 277 -2.29 -0.04 20.21
CA GLN A 277 -1.70 -0.45 21.47
C GLN A 277 -0.19 -0.27 21.35
N VAL A 278 0.37 0.58 22.22
N VAL A 278 0.38 0.55 22.24
CA VAL A 278 1.79 0.89 22.14
CA VAL A 278 1.80 0.89 22.12
C VAL A 278 2.63 -0.37 22.39
C VAL A 278 2.68 -0.30 22.49
N ASP A 279 2.18 -1.21 23.31
CA ASP A 279 2.90 -2.44 23.65
C ASP A 279 2.62 -3.45 22.55
N LEU A 280 3.62 -3.70 21.69
CA LEU A 280 3.39 -4.55 20.53
C LEU A 280 3.01 -5.98 20.93
N THR A 281 3.36 -6.42 22.14
CA THR A 281 3.02 -7.78 22.55
C THR A 281 1.55 -7.91 22.94
N LYS A 282 0.82 -6.79 23.06
CA LYS A 282 -0.60 -6.80 23.36
C LYS A 282 -1.45 -6.27 22.20
N ARG A 283 -0.85 -6.04 21.05
CA ARG A 283 -1.55 -5.38 19.95
C ARG A 283 -2.33 -6.40 19.13
N PHE A 284 -3.59 -6.06 18.84
CA PHE A 284 -4.40 -6.93 17.98
C PHE A 284 -3.70 -7.16 16.66
N GLY A 285 -3.79 -8.40 16.19
CA GLY A 285 -3.06 -8.84 15.04
C GLY A 285 -1.71 -9.45 15.36
N ASN A 286 -1.20 -9.25 16.58
CA ASN A 286 0.08 -9.80 17.00
C ASN A 286 -0.08 -10.73 18.20
N LEU A 287 -1.30 -11.19 18.46
CA LEU A 287 -1.56 -12.10 19.57
C LEU A 287 -1.68 -13.53 19.06
N LYS A 288 -1.93 -14.46 19.97
CA LYS A 288 -1.95 -15.87 19.59
C LYS A 288 -3.03 -16.17 18.57
N ASN A 289 -4.15 -15.45 18.59
CA ASN A 289 -5.20 -15.64 17.62
C ASN A 289 -4.98 -14.85 16.33
N GLY A 290 -3.88 -14.10 16.24
CA GLY A 290 -3.52 -13.45 14.98
C GLY A 290 -4.62 -12.56 14.44
N VAL A 291 -4.93 -12.72 13.16
CA VAL A 291 -5.87 -11.82 12.52
C VAL A 291 -7.29 -12.04 13.02
N ASN A 292 -7.58 -13.18 13.64
CA ASN A 292 -8.95 -13.45 14.02
C ASN A 292 -9.42 -12.57 15.16
N ASP A 293 -8.52 -12.03 15.98
CA ASP A 293 -8.94 -11.05 16.99
C ASP A 293 -9.55 -9.83 16.34
N ILE A 294 -9.06 -9.46 15.16
CA ILE A 294 -9.62 -8.34 14.41
C ILE A 294 -10.89 -8.77 13.66
N LYS A 295 -10.83 -9.89 12.94
CA LYS A 295 -11.97 -10.28 12.12
C LYS A 295 -13.19 -10.58 12.99
N ASN A 296 -12.99 -11.03 14.23
CA ASN A 296 -14.10 -11.39 15.11
C ASN A 296 -14.51 -10.26 16.04
N HIS A 297 -13.88 -9.09 15.92
CA HIS A 297 -14.24 -7.96 16.76
C HIS A 297 -15.64 -7.47 16.42
N LYS A 298 -16.35 -6.97 17.45
CA LYS A 298 -17.71 -6.48 17.27
C LYS A 298 -17.82 -5.41 16.18
N TRP A 299 -16.79 -4.60 15.98
CA TRP A 299 -16.90 -3.57 14.94
C TRP A 299 -17.04 -4.18 13.56
N PHE A 300 -16.56 -5.40 13.36
CA PHE A 300 -16.69 -6.08 12.07
C PHE A 300 -17.84 -7.07 12.03
N ALA A 301 -18.80 -6.99 12.97
CA ALA A 301 -19.82 -8.03 13.05
C ALA A 301 -20.67 -8.12 11.78
N THR A 302 -20.89 -7.01 11.09
CA THR A 302 -21.69 -7.01 9.86
C THR A 302 -20.89 -7.40 8.62
N THR A 303 -19.59 -7.63 8.74
CA THR A 303 -18.74 -7.89 7.60
C THR A 303 -18.81 -9.36 7.18
N ASP A 304 -19.14 -9.59 5.92
CA ASP A 304 -19.08 -10.91 5.30
C ASP A 304 -17.73 -11.02 4.63
N TRP A 305 -16.78 -11.66 5.31
CA TRP A 305 -15.39 -11.65 4.85
C TRP A 305 -15.26 -12.30 3.48
N ILE A 306 -16.00 -13.39 3.24
CA ILE A 306 -15.95 -14.05 1.95
C ILE A 306 -16.55 -13.17 0.87
N ALA A 307 -17.68 -12.52 1.16
CA ALA A 307 -18.32 -11.67 0.17
C ALA A 307 -17.42 -10.51 -0.23
N ILE A 308 -16.66 -9.97 0.74
CA ILE A 308 -15.70 -8.91 0.42
C ILE A 308 -14.60 -9.46 -0.48
N TYR A 309 -13.99 -10.57 -0.09
CA TYR A 309 -12.94 -11.19 -0.90
C TYR A 309 -13.42 -11.42 -2.34
N GLN A 310 -14.64 -11.93 -2.49
CA GLN A 310 -15.22 -12.23 -3.79
C GLN A 310 -15.76 -10.99 -4.51
N ARG A 311 -15.64 -9.80 -3.91
N ARG A 311 -15.66 -9.81 -3.89
CA ARG A 311 -16.10 -8.55 -4.53
CA ARG A 311 -16.10 -8.55 -4.49
C ARG A 311 -17.60 -8.58 -4.84
C ARG A 311 -17.59 -8.59 -4.82
N LYS A 312 -18.38 -9.19 -3.94
CA LYS A 312 -19.82 -9.32 -4.11
C LYS A 312 -20.61 -8.29 -3.31
N VAL A 313 -19.95 -7.49 -2.51
CA VAL A 313 -20.58 -6.44 -1.72
C VAL A 313 -20.63 -5.16 -2.54
N GLU A 314 -21.78 -4.49 -2.51
CA GLU A 314 -21.91 -3.21 -3.19
C GLU A 314 -21.07 -2.16 -2.47
N ALA A 315 -20.30 -1.38 -3.24
CA ALA A 315 -19.36 -0.45 -2.66
C ALA A 315 -20.05 0.83 -2.17
N PRO A 316 -19.45 1.51 -1.20
CA PRO A 316 -20.03 2.77 -0.71
C PRO A 316 -20.11 3.84 -1.78
N PHE A 317 -19.14 3.90 -2.69
CA PHE A 317 -19.29 4.79 -3.84
C PHE A 317 -18.39 4.30 -4.97
N ILE A 318 -18.78 4.69 -6.17
CA ILE A 318 -18.02 4.41 -7.38
C ILE A 318 -17.38 5.71 -7.82
N PRO A 319 -16.07 5.74 -8.03
CA PRO A 319 -15.44 6.97 -8.51
C PRO A 319 -16.01 7.38 -9.86
N LYS A 320 -16.09 8.68 -10.06
CA LYS A 320 -16.53 9.24 -11.32
C LYS A 320 -15.32 9.36 -12.23
N PHE A 321 -15.38 8.69 -13.39
CA PHE A 321 -14.36 8.83 -14.40
C PHE A 321 -14.97 8.36 -15.72
N LYS A 322 -14.35 8.77 -16.83
CA LYS A 322 -14.97 8.64 -18.13
C LYS A 322 -14.51 7.42 -18.92
N GLY A 323 -13.39 6.81 -18.52
CA GLY A 323 -12.85 5.69 -19.23
C GLY A 323 -11.49 5.30 -18.69
N PRO A 324 -10.89 4.25 -19.28
CA PRO A 324 -9.60 3.74 -18.77
C PRO A 324 -8.47 4.76 -18.85
N GLY A 325 -8.58 5.78 -19.69
CA GLY A 325 -7.53 6.76 -19.84
C GLY A 325 -7.80 8.08 -19.14
N ASP A 326 -8.85 8.16 -18.34
CA ASP A 326 -9.21 9.40 -17.66
C ASP A 326 -8.28 9.61 -16.48
N THR A 327 -7.67 10.79 -16.42
CA THR A 327 -6.79 11.17 -15.32
C THR A 327 -7.41 12.20 -14.37
N SER A 328 -8.71 12.48 -14.50
N SER A 328 -8.71 12.48 -14.50
CA SER A 328 -9.32 13.57 -13.74
CA SER A 328 -9.32 13.57 -13.74
C SER A 328 -9.27 13.35 -12.24
C SER A 328 -9.24 13.36 -12.24
N ASN A 329 -9.08 12.11 -11.79
CA ASN A 329 -9.03 11.85 -10.35
C ASN A 329 -7.62 11.96 -9.79
N PHE A 330 -6.63 12.26 -10.62
CA PHE A 330 -5.27 12.54 -10.19
C PHE A 330 -4.98 14.00 -10.48
N ASP A 331 -3.91 14.50 -9.89
CA ASP A 331 -3.65 15.92 -9.93
C ASP A 331 -2.53 16.23 -10.91
N ASP A 332 -2.17 17.51 -10.99
CA ASP A 332 -1.32 18.01 -12.06
C ASP A 332 0.11 18.22 -11.59
N TYR A 333 1.06 17.71 -12.37
CA TYR A 333 2.48 17.82 -12.06
C TYR A 333 3.21 18.34 -13.28
N GLU A 334 4.32 19.05 -13.03
CA GLU A 334 5.18 19.44 -14.14
C GLU A 334 5.62 18.20 -14.92
N GLU A 335 5.53 18.27 -16.25
CA GLU A 335 5.90 17.14 -17.10
C GLU A 335 7.40 17.23 -17.42
N GLU A 336 8.16 16.29 -16.88
CA GLU A 336 9.61 16.24 -17.07
C GLU A 336 9.99 15.10 -18.01
N GLU A 337 11.16 15.25 -18.65
CA GLU A 337 11.67 14.22 -19.56
C GLU A 337 11.88 12.88 -18.87
N ILE A 338 11.76 11.82 -19.67
CA ILE A 338 12.27 10.49 -19.31
C ILE A 338 13.58 10.34 -20.05
N ARG A 339 14.67 10.86 -19.47
CA ARG A 339 15.97 10.84 -20.12
C ARG A 339 16.66 9.51 -19.84
N VAL A 340 17.21 8.90 -20.88
CA VAL A 340 17.94 7.65 -20.73
C VAL A 340 19.38 7.88 -21.17
N SEP A 341 20.31 7.80 -20.22
CA SEP A 341 21.70 8.12 -20.51
CB SEP A 341 22.54 8.01 -19.22
OG SEP A 341 23.91 8.00 -19.52
C SEP A 341 22.28 7.23 -21.59
O SEP A 341 21.81 6.10 -21.80
P SEP A 341 24.55 9.47 -19.62
O1P SEP A 341 24.38 10.02 -21.13
O2P SEP A 341 23.80 10.47 -18.60
O3P SEP A 341 26.11 9.36 -19.23
N ILE A 342 23.29 7.73 -22.27
CA ILE A 342 23.97 6.96 -23.29
C ILE A 342 24.84 5.87 -22.63
N ASN A 343 25.15 6.04 -21.35
CA ASN A 343 25.98 5.11 -20.61
C ASN A 343 25.18 4.47 -19.48
N GLU A 344 25.46 3.19 -19.22
CA GLU A 344 24.75 2.46 -18.16
C GLU A 344 25.19 2.94 -16.79
N LYS A 345 24.22 3.22 -15.92
CA LYS A 345 24.47 3.66 -14.56
C LYS A 345 24.08 2.57 -13.58
N CYS A 346 24.94 2.30 -12.61
CA CYS A 346 24.61 1.43 -11.48
C CYS A 346 24.20 0.04 -11.94
N GLY A 347 24.84 -0.46 -13.00
CA GLY A 347 24.48 -1.77 -13.52
C GLY A 347 24.57 -2.86 -12.47
N LYS A 348 25.66 -2.85 -11.69
CA LYS A 348 25.89 -3.91 -10.72
C LYS A 348 24.86 -3.90 -9.61
N GLU A 349 24.51 -2.71 -9.11
CA GLU A 349 23.60 -2.62 -7.98
C GLU A 349 22.23 -3.20 -8.31
N PHE A 350 21.80 -3.08 -9.56
CA PHE A 350 20.46 -3.51 -9.96
C PHE A 350 20.48 -4.73 -10.87
N THR A 351 21.54 -5.55 -10.82
CA THR A 351 21.62 -6.73 -11.66
C THR A 351 20.35 -7.59 -11.58
N GLU A 352 19.83 -7.81 -10.37
CA GLU A 352 18.72 -8.74 -10.25
C GLU A 352 17.41 -8.15 -10.73
N PHE A 353 17.31 -6.84 -10.94
CA PHE A 353 16.03 -6.25 -11.32
C PHE A 353 15.60 -6.73 -12.70
S DMS B . -5.30 -18.36 -4.29
O DMS B . -3.97 -17.70 -4.19
C1 DMS B . -5.43 -19.30 -5.83
C2 DMS B . -5.43 -19.68 -3.05
C1 MPD C . -11.72 -15.09 2.05
C2 MPD C . -10.41 -15.68 2.52
O2 MPD C . -10.70 -16.41 3.73
CM MPD C . -9.87 -16.66 1.47
C3 MPD C . -9.41 -14.55 2.77
C4 MPD C . -7.97 -14.99 2.99
O4 MPD C . -7.13 -13.86 3.11
C5 MPD C . -7.81 -15.82 4.26
C1 LR5 D . -1.26 4.40 -9.83
C2 LR5 D . -0.19 4.25 -8.96
C6 LR5 D . -1.15 6.78 -9.51
C5 LR5 D . 0.54 7.85 -8.02
C4 LR5 D . -0.07 6.64 -8.65
C3 LR5 D . 0.40 5.36 -8.38
N LR5 D . -1.45 2.03 -10.31
C LR5 D . -1.96 3.24 -10.49
O LR5 D . -2.96 3.46 -11.18
C7 LR5 D . -1.74 5.68 -10.10
F LR5 D . 1.41 7.54 -7.06
F1 LR5 D . -0.37 8.63 -7.46
F2 LR5 D . 1.19 8.60 -8.88
#